data_6NHS
#
_entry.id   6NHS
#
_cell.length_a   116.502
_cell.length_b   116.502
_cell.length_c   74.702
_cell.angle_alpha   90.00
_cell.angle_beta   90.00
_cell.angle_gamma   120.00
#
_symmetry.space_group_name_H-M   'P 62 2 2'
#
loop_
_entity.id
_entity.type
_entity.pdbx_description
1 polymer Beta-lactamase
2 non-polymer 'CHLORIDE ION'
3 non-polymer 'FORMIC ACID'
4 non-polymer 1,2-ETHANEDIOL
5 water water
#
_entity_poly.entity_id   1
_entity_poly.type   'polypeptide(L)'
_entity_poly.pdbx_seq_one_letter_code
;SNARD(MSE)PGHSQEIQTPAIPVNVNLGRSFNQLGIKGSILIYDRNNKKFYEHNAARNSQSFLPASTFKIFNSLVALET
GVISNDVAILTWDG(MSE)QRQFPTWNQDTNIRQAFRNSTVWFYQVLARKIGHER(MSE)EKFIKQVGYGNLQIGTPEQI
DRFWLEGPLQITPKQQIEFLQRLHRKELPFSQRTLDLVQDI(MSE)IYERTPNYVLRGKTGWAASVTPNIGWFVGYLEQN
NNVYFFATNIDIRNNDDAAARIEVTRRSLKALGLL
;
_entity_poly.pdbx_strand_id   A
#
# COMPACT_ATOMS: atom_id res chain seq x y z
N ASN A 21 -12.77 -16.70 18.27
CA ASN A 21 -11.52 -17.45 18.13
C ASN A 21 -11.44 -18.07 16.74
N VAL A 22 -10.45 -17.63 15.97
CA VAL A 22 -10.28 -18.10 14.59
C VAL A 22 -8.79 -18.24 14.29
N ASN A 23 -8.42 -19.30 13.59
CA ASN A 23 -7.03 -19.56 13.23
C ASN A 23 -6.74 -18.90 11.89
N LEU A 24 -6.17 -17.70 11.93
CA LEU A 24 -5.78 -17.02 10.70
C LEU A 24 -4.50 -17.60 10.11
N GLY A 25 -3.74 -18.36 10.89
CA GLY A 25 -2.57 -19.03 10.33
C GLY A 25 -2.89 -20.18 9.41
N ARG A 26 -4.15 -20.63 9.39
CA ARG A 26 -4.52 -21.80 8.60
C ARG A 26 -4.28 -21.54 7.11
N SER A 27 -4.72 -20.38 6.62
CA SER A 27 -4.57 -20.07 5.19
C SER A 27 -3.10 -20.05 4.80
N PHE A 28 -2.22 -19.54 5.67
CA PHE A 28 -0.80 -19.46 5.35
C PHE A 28 -0.21 -20.84 5.13
N ASN A 29 -0.50 -21.78 6.03
CA ASN A 29 0.09 -23.10 5.92
C ASN A 29 -0.51 -23.90 4.77
N GLN A 30 -1.78 -23.67 4.44
CA GLN A 30 -2.39 -24.34 3.29
C GLN A 30 -1.69 -23.95 2.01
N LEU A 31 -1.41 -22.64 1.84
CA LEU A 31 -0.72 -22.14 0.66
C LEU A 31 0.79 -22.29 0.75
N GLY A 32 1.32 -22.80 1.85
CA GLY A 32 2.75 -23.03 1.98
C GLY A 32 3.59 -21.77 1.98
N ILE A 33 3.08 -20.68 2.54
CA ILE A 33 3.82 -19.43 2.58
C ILE A 33 4.06 -19.02 4.01
N LYS A 34 5.18 -18.33 4.24
CA LYS A 34 5.52 -17.77 5.53
C LYS A 34 5.16 -16.29 5.52
N GLY A 35 4.52 -15.82 6.58
CA GLY A 35 4.17 -14.41 6.64
C GLY A 35 3.27 -14.09 7.81
N SER A 36 2.55 -12.98 7.68
CA SER A 36 1.74 -12.47 8.77
C SER A 36 0.55 -11.71 8.20
N ILE A 37 -0.44 -11.48 9.05
CA ILE A 37 -1.54 -10.58 8.72
C ILE A 37 -2.01 -9.91 9.99
N LEU A 38 -2.40 -8.65 9.87
CA LEU A 38 -3.00 -7.89 10.96
C LEU A 38 -4.29 -7.28 10.45
N ILE A 39 -5.38 -7.49 11.17
CA ILE A 39 -6.67 -6.91 10.82
C ILE A 39 -7.17 -6.11 12.02
N TYR A 40 -7.63 -4.89 11.77
CA TYR A 40 -8.11 -4.00 12.83
C TYR A 40 -9.57 -3.67 12.59
N ASP A 41 -10.42 -4.06 13.54
CA ASP A 41 -11.86 -3.79 13.52
C ASP A 41 -12.07 -2.40 14.10
N ARG A 42 -12.49 -1.44 13.26
CA ARG A 42 -12.57 -0.05 13.71
C ARG A 42 -13.64 0.14 14.77
N ASN A 43 -14.85 -0.36 14.52
CA ASN A 43 -15.97 -0.12 15.43
C ASN A 43 -15.71 -0.73 16.80
N ASN A 44 -15.07 -1.90 16.85
CA ASN A 44 -14.84 -2.60 18.10
C ASN A 44 -13.43 -2.38 18.66
N LYS A 45 -12.57 -1.66 17.93
CA LYS A 45 -11.19 -1.39 18.35
C LYS A 45 -10.47 -2.67 18.75
N LYS A 46 -10.57 -3.67 17.89
CA LYS A 46 -10.05 -5.01 18.16
C LYS A 46 -9.17 -5.48 17.02
N PHE A 47 -8.12 -6.22 17.38
CA PHE A 47 -7.19 -6.79 16.41
C PHE A 47 -7.43 -8.28 16.23
N TYR A 48 -7.16 -8.76 15.02
CA TYR A 48 -7.04 -10.17 14.70
C TYR A 48 -5.74 -10.34 13.93
N GLU A 49 -4.96 -11.37 14.23
CA GLU A 49 -3.67 -11.44 13.58
C GLU A 49 -3.14 -12.87 13.53
N HIS A 50 -2.20 -13.07 12.62
CA HIS A 50 -1.35 -14.25 12.58
C HIS A 50 0.10 -13.78 12.54
N ASN A 51 0.95 -14.40 13.35
CA ASN A 51 2.37 -14.09 13.41
C ASN A 51 2.60 -12.67 13.94
N ALA A 52 2.32 -12.48 15.23
CA ALA A 52 2.36 -11.14 15.81
C ALA A 52 3.76 -10.54 15.76
N ALA A 53 4.80 -11.36 15.91
CA ALA A 53 6.16 -10.84 15.90
C ALA A 53 6.49 -10.18 14.58
N ARG A 54 6.05 -10.78 13.47
CA ARG A 54 6.35 -10.21 12.16
C ARG A 54 5.58 -8.92 11.92
N ASN A 55 4.40 -8.77 12.55
CA ASN A 55 3.63 -7.54 12.40
C ASN A 55 4.32 -6.33 13.00
N SER A 56 5.37 -6.53 13.81
CA SER A 56 6.18 -5.44 14.33
C SER A 56 7.54 -5.34 13.66
N GLN A 57 7.78 -6.13 12.61
CA GLN A 57 9.04 -6.07 11.88
C GLN A 57 8.91 -5.13 10.68
N SER A 58 10.01 -4.46 10.36
CA SER A 58 10.03 -3.46 9.29
C SER A 58 10.43 -4.09 7.97
N PHE A 59 9.79 -3.63 6.89
CA PHE A 59 10.09 -4.08 5.54
C PHE A 59 10.02 -2.89 4.59
N LEU A 60 10.76 -2.99 3.48
CA LEU A 60 10.59 -2.05 2.38
C LEU A 60 9.12 -1.97 1.99
N PRO A 61 8.56 -0.77 1.85
CA PRO A 61 7.13 -0.68 1.50
C PRO A 61 6.84 -1.05 0.06
N ALA A 62 7.80 -0.87 -0.85
CA ALA A 62 7.60 -1.09 -2.27
C ALA A 62 6.36 -0.35 -2.74
N SER A 63 5.55 -0.98 -3.58
CA SER A 63 4.41 -0.27 -4.18
C SER A 63 3.35 0.14 -3.18
N THR A 64 3.33 -0.40 -1.95
CA THR A 64 2.37 0.10 -0.98
C THR A 64 2.60 1.56 -0.67
N PHE A 65 3.81 2.06 -0.91
CA PHE A 65 4.10 3.47 -0.72
C PHE A 65 3.32 4.36 -1.67
N LYS A 66 2.78 3.80 -2.75
CA LYS A 66 1.98 4.60 -3.68
C LYS A 66 0.79 5.25 -3.01
N ILE A 67 0.28 4.64 -1.92
CA ILE A 67 -0.82 5.26 -1.19
C ILE A 67 -0.38 6.59 -0.59
N PHE A 68 0.74 6.58 0.14
CA PHE A 68 1.29 7.80 0.71
C PHE A 68 1.72 8.78 -0.38
N ASN A 69 2.43 8.28 -1.40
CA ASN A 69 2.93 9.15 -2.46
C ASN A 69 1.78 9.85 -3.19
N SER A 70 0.67 9.14 -3.42
CA SER A 70 -0.49 9.74 -4.09
C SER A 70 -1.05 10.91 -3.31
N LEU A 71 -1.17 10.74 -1.98
CA LEU A 71 -1.69 11.80 -1.12
C LEU A 71 -0.83 13.05 -1.20
N VAL A 72 0.49 12.89 -1.07
CA VAL A 72 1.38 14.05 -1.06
C VAL A 72 1.41 14.70 -2.43
N ALA A 73 1.42 13.89 -3.49
CA ALA A 73 1.46 14.43 -4.84
C ALA A 73 0.25 15.29 -5.14
N LEU A 74 -0.94 14.81 -4.79
CA LEU A 74 -2.16 15.59 -4.99
C LEU A 74 -2.20 16.79 -4.07
N GLU A 75 -1.80 16.63 -2.80
CA GLU A 75 -1.87 17.74 -1.87
C GLU A 75 -0.95 18.88 -2.27
N THR A 76 0.28 18.56 -2.69
CA THR A 76 1.22 19.58 -3.13
C THR A 76 0.89 20.11 -4.50
N GLY A 77 0.06 19.40 -5.27
CA GLY A 77 -0.31 19.85 -6.59
C GLY A 77 0.67 19.52 -7.69
N VAL A 78 1.61 18.60 -7.45
CA VAL A 78 2.50 18.21 -8.54
C VAL A 78 1.76 17.35 -9.55
N ILE A 79 0.62 16.79 -9.17
CA ILE A 79 -0.34 16.20 -10.09
C ILE A 79 -1.70 16.79 -9.76
N SER A 80 -2.44 17.24 -10.78
CA SER A 80 -3.57 18.14 -10.51
C SER A 80 -4.80 17.38 -10.01
N ASN A 81 -5.04 16.17 -10.51
CA ASN A 81 -6.22 15.40 -10.12
C ASN A 81 -5.99 13.96 -10.57
N ASP A 82 -7.06 13.14 -10.55
CA ASP A 82 -6.97 11.71 -10.82
C ASP A 82 -6.89 11.37 -12.30
N VAL A 83 -7.18 12.30 -13.20
CA VAL A 83 -7.07 12.04 -14.63
C VAL A 83 -5.90 12.77 -15.29
N ALA A 84 -5.21 13.65 -14.56
CA ALA A 84 -4.05 14.34 -15.14
C ALA A 84 -3.04 13.33 -15.64
N ILE A 85 -2.47 13.61 -16.82
CA ILE A 85 -1.62 12.67 -17.54
C ILE A 85 -0.16 12.99 -17.26
N LEU A 86 0.63 11.93 -17.01
CA LEU A 86 2.07 11.99 -17.22
C LEU A 86 2.40 11.08 -18.38
N THR A 87 3.27 11.55 -19.28
CA THR A 87 3.53 10.80 -20.49
C THR A 87 4.71 9.85 -20.34
N TRP A 88 4.60 8.71 -21.01
CA TRP A 88 5.69 7.75 -21.05
C TRP A 88 6.91 8.37 -21.75
N ASP A 89 8.11 8.10 -21.21
CA ASP A 89 9.33 8.66 -21.77
C ASP A 89 9.89 7.86 -22.95
N GLY A 90 9.17 6.83 -23.43
CA GLY A 90 9.65 6.05 -24.55
C GLY A 90 10.59 4.92 -24.20
N GLN A 92 11.53 1.37 -23.02
CA GLN A 92 10.82 0.10 -22.88
C GLN A 92 11.14 -0.51 -21.53
N ARG A 93 10.15 -0.58 -20.65
CA ARG A 93 10.34 -1.15 -19.33
C ARG A 93 9.73 -2.56 -19.29
N GLN A 94 9.74 -3.18 -18.11
CA GLN A 94 9.54 -4.62 -18.00
C GLN A 94 8.14 -5.04 -18.41
N PHE A 95 7.13 -4.26 -18.05
CA PHE A 95 5.75 -4.66 -18.31
C PHE A 95 5.11 -3.79 -19.38
N PRO A 96 4.43 -4.38 -20.36
CA PRO A 96 3.87 -3.58 -21.46
C PRO A 96 2.89 -2.50 -21.02
N THR A 97 2.11 -2.73 -19.95
N THR A 97 2.12 -2.74 -19.96
CA THR A 97 1.20 -1.70 -19.48
CA THR A 97 1.20 -1.71 -19.48
C THR A 97 1.92 -0.47 -18.96
C THR A 97 1.93 -0.48 -18.98
N TRP A 98 3.20 -0.61 -18.60
CA TRP A 98 4.00 0.54 -18.17
C TRP A 98 4.48 1.40 -19.33
N ASN A 99 4.50 0.85 -20.55
CA ASN A 99 5.05 1.58 -21.69
C ASN A 99 3.98 2.38 -22.42
N GLN A 100 3.29 3.24 -21.67
N GLN A 100 3.22 3.19 -21.67
CA GLN A 100 2.20 4.02 -22.23
CA GLN A 100 2.15 4.00 -22.22
C GLN A 100 1.93 5.20 -21.30
C GLN A 100 1.91 5.18 -21.31
N ASP A 101 1.38 6.27 -21.88
CA ASP A 101 0.94 7.41 -21.07
C ASP A 101 -0.11 6.94 -20.06
N THR A 102 -0.17 7.60 -18.91
CA THR A 102 -1.10 7.13 -17.88
C THR A 102 -1.48 8.28 -16.95
N ASN A 103 -2.37 7.99 -16.01
CA ASN A 103 -2.77 8.91 -14.97
C ASN A 103 -2.58 8.19 -13.64
N ILE A 104 -2.88 8.89 -12.54
CA ILE A 104 -2.54 8.32 -11.23
C ILE A 104 -3.45 7.14 -10.90
N ARG A 105 -4.69 7.15 -11.38
N ARG A 105 -4.69 7.15 -11.38
CA ARG A 105 -5.58 6.02 -11.11
CA ARG A 105 -5.59 6.03 -11.12
C ARG A 105 -5.08 4.76 -11.79
C ARG A 105 -5.08 4.76 -11.79
N GLN A 106 -4.69 4.86 -13.07
CA GLN A 106 -4.19 3.69 -13.78
C GLN A 106 -2.77 3.34 -13.34
N ALA A 107 -1.95 4.33 -13.00
CA ALA A 107 -0.62 4.03 -12.47
C ALA A 107 -0.72 3.28 -11.15
N PHE A 108 -1.68 3.67 -10.30
CA PHE A 108 -1.95 2.94 -9.07
C PHE A 108 -2.40 1.51 -9.39
N ARG A 109 -3.37 1.37 -10.30
CA ARG A 109 -3.86 0.06 -10.70
C ARG A 109 -2.74 -0.84 -11.23
N ASN A 110 -1.83 -0.27 -12.03
CA ASN A 110 -0.82 -1.04 -12.74
C ASN A 110 0.52 -1.09 -12.02
N SER A 111 0.62 -0.53 -10.81
CA SER A 111 1.88 -0.44 -10.08
C SER A 111 2.98 0.19 -10.93
N THR A 112 2.62 1.25 -11.65
CA THR A 112 3.52 1.87 -12.64
C THR A 112 4.55 2.73 -11.91
N VAL A 113 5.73 2.14 -11.67
CA VAL A 113 6.74 2.78 -10.82
C VAL A 113 7.20 4.12 -11.40
N TRP A 114 7.45 4.17 -12.72
CA TRP A 114 8.03 5.39 -13.28
C TRP A 114 7.14 6.61 -13.05
N PHE A 115 5.81 6.42 -13.09
CA PHE A 115 4.88 7.51 -12.81
C PHE A 115 5.11 8.07 -11.41
N TYR A 116 5.23 7.19 -10.43
CA TYR A 116 5.41 7.65 -9.05
C TYR A 116 6.83 8.16 -8.79
N GLN A 117 7.81 7.74 -9.59
CA GLN A 117 9.12 8.35 -9.47
C GLN A 117 9.11 9.80 -9.93
N VAL A 118 8.36 10.11 -10.99
CA VAL A 118 8.18 11.50 -11.38
C VAL A 118 7.54 12.30 -10.25
N LEU A 119 6.48 11.73 -9.65
CA LEU A 119 5.79 12.45 -8.57
C LEU A 119 6.75 12.75 -7.42
N ALA A 120 7.58 11.78 -7.05
CA ALA A 120 8.50 11.97 -5.93
C ALA A 120 9.53 13.05 -6.23
N ARG A 121 10.07 13.05 -7.46
CA ARG A 121 11.03 14.07 -7.85
C ARG A 121 10.42 15.45 -7.79
N LYS A 122 9.18 15.59 -8.26
CA LYS A 122 8.52 16.90 -8.28
C LYS A 122 8.14 17.36 -6.88
N ILE A 123 7.71 16.43 -6.02
CA ILE A 123 7.54 16.76 -4.60
C ILE A 123 8.86 17.28 -4.04
N GLY A 124 9.94 16.56 -4.27
CA GLY A 124 11.26 16.97 -3.83
C GLY A 124 11.56 16.49 -2.41
N HIS A 125 12.85 16.44 -2.11
CA HIS A 125 13.33 15.85 -0.86
C HIS A 125 12.78 16.60 0.36
N GLU A 126 12.81 17.94 0.33
CA GLU A 126 12.42 18.71 1.50
C GLU A 126 10.93 18.54 1.80
N ARG A 127 10.08 18.65 0.78
CA ARG A 127 8.65 18.48 1.01
C ARG A 127 8.33 17.03 1.37
N GLU A 129 10.24 14.84 2.98
CA GLU A 129 10.63 14.60 4.37
C GLU A 129 9.63 15.22 5.34
N LYS A 130 9.14 16.43 5.03
N LYS A 130 9.13 16.42 5.02
CA LYS A 130 8.18 17.08 5.91
CA LYS A 130 8.17 17.10 5.88
C LYS A 130 6.90 16.25 6.05
C LYS A 130 6.89 16.30 6.03
N PHE A 131 6.36 15.78 4.92
CA PHE A 131 5.13 14.99 4.98
C PHE A 131 5.36 13.64 5.66
N ILE A 132 6.50 13.00 5.40
CA ILE A 132 6.84 11.74 6.05
C ILE A 132 6.81 11.89 7.56
N LYS A 133 7.44 12.96 8.07
CA LYS A 133 7.52 13.14 9.50
C LYS A 133 6.21 13.64 10.09
N GLN A 134 5.49 14.50 9.37
CA GLN A 134 4.19 14.97 9.86
C GLN A 134 3.20 13.82 9.98
N VAL A 135 3.17 12.94 8.97
CA VAL A 135 2.29 11.78 8.98
C VAL A 135 2.82 10.71 9.94
N GLY A 136 4.13 10.66 10.16
CA GLY A 136 4.71 9.59 10.95
C GLY A 136 4.79 8.28 10.20
N TYR A 137 5.17 8.32 8.91
CA TYR A 137 5.08 7.15 8.05
C TYR A 137 6.29 6.23 8.24
N GLY A 138 6.04 5.00 8.70
CA GLY A 138 7.11 4.01 8.76
C GLY A 138 8.26 4.44 9.66
N ASN A 139 9.50 4.13 9.22
CA ASN A 139 10.69 4.49 9.96
C ASN A 139 11.19 5.91 9.64
N LEU A 140 10.41 6.69 8.89
CA LEU A 140 10.61 8.13 8.71
C LEU A 140 11.88 8.50 7.95
N GLN A 141 12.50 7.56 7.24
CA GLN A 141 13.79 7.79 6.61
C GLN A 141 13.66 7.68 5.10
N ILE A 142 13.96 8.76 4.38
CA ILE A 142 13.92 8.74 2.92
C ILE A 142 15.30 8.89 2.32
N GLY A 143 16.35 8.88 3.14
CA GLY A 143 17.70 8.95 2.62
C GLY A 143 18.09 10.35 2.16
N THR A 144 19.04 10.40 1.23
CA THR A 144 19.60 11.62 0.70
C THR A 144 18.76 12.14 -0.46
N PRO A 145 18.93 13.41 -0.85
CA PRO A 145 18.21 13.91 -2.04
C PRO A 145 18.42 13.05 -3.28
N GLU A 146 19.59 12.43 -3.42
CA GLU A 146 19.87 11.59 -4.58
C GLU A 146 19.03 10.32 -4.60
N GLN A 147 18.41 9.95 -3.48
CA GLN A 147 17.57 8.77 -3.40
C GLN A 147 16.08 9.11 -3.52
N ILE A 148 15.75 10.31 -4.00
CA ILE A 148 14.37 10.80 -3.94
C ILE A 148 13.43 9.93 -4.78
N ASP A 149 13.93 9.24 -5.80
CA ASP A 149 13.07 8.41 -6.65
C ASP A 149 13.22 6.92 -6.39
N ARG A 150 13.83 6.53 -5.26
CA ARG A 150 13.96 5.10 -4.98
C ARG A 150 13.97 4.73 -3.51
N PHE A 151 13.79 5.69 -2.58
CA PHE A 151 13.96 5.37 -1.17
C PHE A 151 12.95 4.33 -0.68
N TRP A 152 11.78 4.23 -1.33
CA TRP A 152 10.78 3.26 -0.92
C TRP A 152 10.94 1.91 -1.62
N LEU A 153 11.81 1.84 -2.63
CA LEU A 153 12.09 0.62 -3.38
C LEU A 153 13.35 -0.08 -2.94
N GLU A 154 14.40 0.69 -2.64
CA GLU A 154 15.69 0.13 -2.24
C GLU A 154 16.07 0.45 -0.81
N GLY A 155 15.34 1.35 -0.15
CA GLY A 155 15.71 1.81 1.17
C GLY A 155 16.18 3.25 1.11
N PRO A 156 16.33 3.90 2.27
CA PRO A 156 16.24 3.30 3.60
C PRO A 156 14.84 3.25 4.21
N LEU A 157 13.80 3.69 3.49
CA LEU A 157 12.46 3.70 4.08
C LEU A 157 11.97 2.28 4.31
N GLN A 158 11.49 2.02 5.53
CA GLN A 158 10.85 0.74 5.85
C GLN A 158 9.62 1.01 6.69
N ILE A 159 8.75 0.00 6.78
CA ILE A 159 7.50 0.13 7.52
C ILE A 159 7.07 -1.24 8.01
N THR A 160 6.47 -1.28 9.22
CA THR A 160 5.91 -2.51 9.75
C THR A 160 4.46 -2.67 9.35
N PRO A 161 3.92 -3.88 9.38
CA PRO A 161 2.47 -4.02 9.12
C PRO A 161 1.61 -3.22 10.08
N LYS A 162 1.98 -3.19 11.37
CA LYS A 162 1.27 -2.35 12.33
C LYS A 162 1.25 -0.88 11.90
N GLN A 163 2.38 -0.38 11.38
CA GLN A 163 2.45 1.02 10.95
C GLN A 163 1.66 1.25 9.66
N GLN A 164 1.54 0.23 8.80
CA GLN A 164 0.61 0.36 7.68
C GLN A 164 -0.80 0.58 8.18
N ILE A 165 -1.23 -0.22 9.17
CA ILE A 165 -2.56 -0.08 9.75
C ILE A 165 -2.74 1.32 10.35
N GLU A 166 -1.77 1.76 11.17
CA GLU A 166 -1.88 3.07 11.81
C GLU A 166 -2.03 4.18 10.77
N PHE A 167 -1.22 4.12 9.71
CA PHE A 167 -1.31 5.11 8.64
C PHE A 167 -2.68 5.10 7.98
N LEU A 168 -3.18 3.92 7.62
CA LEU A 168 -4.46 3.84 6.92
C LEU A 168 -5.61 4.28 7.81
N GLN A 169 -5.57 3.90 9.09
CA GLN A 169 -6.63 4.28 10.02
C GLN A 169 -6.66 5.79 10.26
N ARG A 170 -5.48 6.40 10.47
CA ARG A 170 -5.41 7.85 10.61
C ARG A 170 -5.88 8.55 9.34
N LEU A 171 -5.47 8.04 8.18
CA LEU A 171 -5.97 8.55 6.92
C LEU A 171 -7.49 8.55 6.89
N HIS A 172 -8.09 7.42 7.24
CA HIS A 172 -9.53 7.25 7.09
C HIS A 172 -10.33 8.16 8.02
N ARG A 173 -9.79 8.48 9.20
CA ARG A 173 -10.51 9.36 10.10
C ARG A 173 -10.06 10.81 9.99
N LYS A 174 -9.37 11.15 8.90
CA LYS A 174 -9.12 12.54 8.52
C LYS A 174 -8.22 13.27 9.53
N GLU A 175 -7.21 12.55 10.05
CA GLU A 175 -6.25 13.15 10.96
C GLU A 175 -4.99 13.64 10.28
N LEU A 176 -4.73 13.19 9.05
CA LEU A 176 -3.51 13.50 8.33
C LEU A 176 -3.63 14.84 7.62
N PRO A 177 -2.51 15.47 7.26
CA PRO A 177 -2.57 16.83 6.67
C PRO A 177 -2.88 16.80 5.18
N PHE A 178 -4.05 16.24 4.84
CA PHE A 178 -4.52 16.20 3.46
C PHE A 178 -5.95 16.70 3.42
N SER A 179 -6.25 17.49 2.39
CA SER A 179 -7.59 18.03 2.22
C SER A 179 -8.59 16.93 1.90
N GLN A 180 -9.88 17.24 2.14
CA GLN A 180 -10.94 16.29 1.81
C GLN A 180 -10.89 15.90 0.33
N ARG A 181 -10.58 16.85 -0.55
CA ARG A 181 -10.44 16.54 -1.96
C ARG A 181 -9.36 15.50 -2.20
N THR A 182 -8.19 15.70 -1.58
CA THR A 182 -7.10 14.73 -1.70
C THR A 182 -7.52 13.35 -1.21
N LEU A 183 -8.18 13.31 -0.04
CA LEU A 183 -8.65 12.03 0.51
C LEU A 183 -9.63 11.35 -0.44
N ASP A 184 -10.60 12.12 -0.94
CA ASP A 184 -11.61 11.55 -1.84
C ASP A 184 -10.97 10.93 -3.06
N LEU A 185 -9.99 11.61 -3.66
CA LEU A 185 -9.37 11.08 -4.87
C LEU A 185 -8.58 9.81 -4.59
N VAL A 186 -7.78 9.81 -3.51
CA VAL A 186 -6.95 8.65 -3.24
C VAL A 186 -7.80 7.46 -2.81
N GLN A 187 -8.82 7.69 -1.98
CA GLN A 187 -9.69 6.59 -1.59
C GLN A 187 -10.40 5.99 -2.79
N ASP A 188 -10.68 6.79 -3.82
CA ASP A 188 -11.35 6.26 -5.00
C ASP A 188 -10.41 5.39 -5.83
N ILE A 189 -9.16 5.82 -6.04
CA ILE A 189 -8.25 5.03 -6.86
C ILE A 189 -7.79 3.78 -6.13
N ILE A 191 -9.80 1.68 -4.80
CA ILE A 191 -10.85 0.66 -4.89
C ILE A 191 -10.31 -0.51 -5.72
N TYR A 192 -10.28 -1.69 -5.09
CA TYR A 192 -9.81 -2.91 -5.73
C TYR A 192 -10.94 -3.84 -6.13
N GLU A 193 -11.95 -3.98 -5.29
CA GLU A 193 -13.05 -4.90 -5.56
C GLU A 193 -14.28 -4.37 -4.84
N ARG A 194 -15.44 -4.49 -5.49
CA ARG A 194 -16.64 -3.88 -4.94
C ARG A 194 -17.87 -4.65 -5.38
N THR A 195 -18.73 -4.98 -4.42
CA THR A 195 -20.04 -5.61 -4.66
C THR A 195 -21.08 -4.79 -3.92
N PRO A 196 -22.37 -5.10 -4.04
CA PRO A 196 -23.37 -4.40 -3.20
C PRO A 196 -23.11 -4.55 -1.70
N ASN A 197 -22.37 -5.57 -1.28
CA ASN A 197 -22.17 -5.85 0.14
C ASN A 197 -20.89 -5.27 0.73
N TYR A 198 -19.88 -4.97 -0.08
CA TYR A 198 -18.62 -4.50 0.50
C TYR A 198 -17.83 -3.71 -0.53
N VAL A 199 -16.92 -2.86 -0.03
CA VAL A 199 -15.94 -2.17 -0.86
C VAL A 199 -14.56 -2.53 -0.30
N LEU A 200 -13.76 -3.19 -1.12
CA LEU A 200 -12.40 -3.57 -0.73
C LEU A 200 -11.41 -2.63 -1.41
N ARG A 201 -10.65 -1.89 -0.61
CA ARG A 201 -9.62 -0.98 -1.08
C ARG A 201 -8.25 -1.50 -0.63
N GLY A 202 -7.24 -1.34 -1.49
CA GLY A 202 -5.92 -1.73 -1.08
C GLY A 202 -4.90 -1.61 -2.20
N LYS A 203 -3.69 -2.05 -1.88
CA LYS A 203 -2.55 -1.96 -2.80
C LYS A 203 -1.58 -3.09 -2.48
N THR A 204 -1.15 -3.80 -3.52
CA THR A 204 -0.13 -4.81 -3.37
C THR A 204 1.27 -4.18 -3.39
N GLY A 205 2.24 -4.95 -2.93
CA GLY A 205 3.63 -4.57 -2.99
C GLY A 205 4.50 -5.79 -3.17
N TRP A 206 5.68 -5.58 -3.75
CA TRP A 206 6.60 -6.69 -4.03
C TRP A 206 8.01 -6.10 -4.01
N ALA A 207 8.70 -6.28 -2.89
CA ALA A 207 10.08 -5.82 -2.74
C ALA A 207 11.01 -6.93 -3.24
N ALA A 208 11.70 -6.67 -4.35
CA ALA A 208 12.56 -7.67 -4.97
C ALA A 208 14.04 -7.42 -4.76
N SER A 209 14.42 -6.35 -4.06
CA SER A 209 15.82 -6.06 -3.81
C SER A 209 16.37 -6.76 -2.58
N VAL A 210 15.52 -7.46 -1.81
CA VAL A 210 15.97 -8.21 -0.65
C VAL A 210 15.64 -9.69 -0.89
N THR A 211 16.32 -10.55 -0.12
CA THR A 211 16.12 -11.99 -0.21
C THR A 211 15.79 -12.51 1.18
N PRO A 212 14.65 -13.18 1.39
CA PRO A 212 13.64 -13.43 0.35
C PRO A 212 12.88 -12.17 -0.06
N ASN A 213 12.26 -12.19 -1.23
CA ASN A 213 11.40 -11.08 -1.62
C ASN A 213 10.27 -10.94 -0.61
N ILE A 214 9.75 -9.72 -0.47
CA ILE A 214 8.68 -9.42 0.48
C ILE A 214 7.43 -9.06 -0.30
N GLY A 215 6.32 -9.70 0.05
CA GLY A 215 5.02 -9.42 -0.56
C GLY A 215 4.13 -8.66 0.42
N TRP A 216 3.39 -7.68 -0.11
CA TRP A 216 2.47 -6.90 0.68
C TRP A 216 1.07 -6.93 0.05
N PHE A 217 0.05 -6.85 0.91
CA PHE A 217 -1.26 -6.35 0.50
C PHE A 217 -1.84 -5.62 1.70
N VAL A 218 -2.03 -4.30 1.57
CA VAL A 218 -2.53 -3.48 2.67
C VAL A 218 -3.72 -2.68 2.17
N GLY A 219 -4.60 -2.30 3.09
CA GLY A 219 -5.78 -1.55 2.70
C GLY A 219 -6.85 -1.65 3.76
N TYR A 220 -8.12 -1.52 3.33
CA TYR A 220 -9.21 -1.68 4.27
C TYR A 220 -10.48 -2.07 3.55
N LEU A 221 -11.34 -2.77 4.29
CA LEU A 221 -12.59 -3.30 3.80
C LEU A 221 -13.73 -2.57 4.49
N GLU A 222 -14.66 -2.04 3.70
CA GLU A 222 -15.89 -1.46 4.23
C GLU A 222 -17.02 -2.47 4.06
N GLN A 223 -17.58 -2.93 5.17
CA GLN A 223 -18.64 -3.92 5.15
C GLN A 223 -19.38 -3.87 6.47
N ASN A 224 -20.70 -4.08 6.41
CA ASN A 224 -21.54 -4.17 7.62
C ASN A 224 -21.40 -2.93 8.49
N ASN A 225 -21.37 -1.75 7.87
CA ASN A 225 -21.25 -0.47 8.57
C ASN A 225 -20.01 -0.42 9.46
N ASN A 226 -18.97 -1.16 9.07
CA ASN A 226 -17.71 -1.21 9.81
C ASN A 226 -16.58 -1.05 8.81
N VAL A 227 -15.37 -0.82 9.32
CA VAL A 227 -14.18 -0.76 8.49
C VAL A 227 -13.15 -1.70 9.09
N TYR A 228 -12.61 -2.60 8.27
CA TYR A 228 -11.59 -3.55 8.69
C TYR A 228 -10.31 -3.22 7.96
N PHE A 229 -9.37 -2.60 8.67
CA PHE A 229 -8.05 -2.33 8.11
C PHE A 229 -7.21 -3.58 8.15
N PHE A 230 -6.40 -3.81 7.11
CA PHE A 230 -5.59 -5.01 7.03
C PHE A 230 -4.22 -4.70 6.47
N ALA A 231 -3.25 -5.52 6.88
CA ALA A 231 -1.89 -5.49 6.34
C ALA A 231 -1.39 -6.92 6.30
N THR A 232 -1.10 -7.40 5.10
CA THR A 232 -0.56 -8.73 4.85
C THR A 232 0.89 -8.61 4.40
N ASN A 233 1.74 -9.45 4.94
CA ASN A 233 3.17 -9.41 4.64
C ASN A 233 3.68 -10.84 4.57
N ILE A 234 4.28 -11.21 3.43
CA ILE A 234 4.70 -12.60 3.21
C ILE A 234 6.10 -12.62 2.61
N ASP A 235 6.73 -13.79 2.73
CA ASP A 235 7.91 -14.12 1.94
C ASP A 235 7.48 -14.57 0.54
N ILE A 236 8.18 -14.07 -0.48
CA ILE A 236 7.99 -14.53 -1.85
C ILE A 236 9.28 -15.21 -2.29
N ARG A 237 9.22 -16.53 -2.48
CA ARG A 237 10.39 -17.29 -2.92
C ARG A 237 10.22 -17.90 -4.29
N ASN A 238 9.03 -17.83 -4.88
CA ASN A 238 8.82 -18.11 -6.29
C ASN A 238 7.64 -17.27 -6.74
N ASN A 239 7.43 -17.22 -8.06
CA ASN A 239 6.39 -16.33 -8.60
C ASN A 239 4.99 -16.74 -8.15
N ASP A 240 4.79 -18.03 -7.85
CA ASP A 240 3.49 -18.48 -7.36
C ASP A 240 3.17 -17.93 -5.98
N ASP A 241 4.20 -17.60 -5.19
CA ASP A 241 3.96 -16.98 -3.88
C ASP A 241 3.29 -15.62 -4.01
N ALA A 242 3.52 -14.92 -5.13
CA ALA A 242 3.00 -13.56 -5.25
C ALA A 242 1.48 -13.53 -5.23
N ALA A 243 0.83 -14.51 -5.87
CA ALA A 243 -0.62 -14.56 -5.85
C ALA A 243 -1.17 -14.77 -4.45
N ALA A 244 -0.37 -15.32 -3.52
CA ALA A 244 -0.85 -15.55 -2.18
C ALA A 244 -1.05 -14.26 -1.39
N ARG A 245 -0.46 -13.15 -1.84
CA ARG A 245 -0.63 -11.86 -1.15
C ARG A 245 -2.10 -11.53 -0.96
N ILE A 246 -2.87 -11.57 -2.04
CA ILE A 246 -4.29 -11.25 -1.96
C ILE A 246 -5.09 -12.43 -1.45
N GLU A 247 -4.70 -13.65 -1.84
CA GLU A 247 -5.49 -14.83 -1.47
C GLU A 247 -5.50 -15.06 0.04
N VAL A 248 -4.37 -14.86 0.72
CA VAL A 248 -4.41 -15.07 2.17
C VAL A 248 -5.22 -13.96 2.83
N THR A 249 -5.18 -12.75 2.27
CA THR A 249 -6.04 -11.68 2.78
C THR A 249 -7.51 -12.06 2.61
N ARG A 250 -7.88 -12.55 1.42
CA ARG A 250 -9.24 -13.00 1.16
C ARG A 250 -9.67 -14.07 2.15
N ARG A 251 -8.86 -15.11 2.30
CA ARG A 251 -9.23 -16.22 3.18
C ARG A 251 -9.32 -15.77 4.62
N SER A 252 -8.46 -14.82 5.03
CA SER A 252 -8.50 -14.32 6.39
C SER A 252 -9.81 -13.56 6.65
N LEU A 253 -10.17 -12.65 5.75
CA LEU A 253 -11.41 -11.89 5.90
C LEU A 253 -12.63 -12.81 5.92
N LYS A 254 -12.65 -13.82 5.04
CA LYS A 254 -13.78 -14.75 5.03
C LYS A 254 -13.84 -15.57 6.32
N ALA A 255 -12.66 -15.92 6.87
CA ALA A 255 -12.64 -16.62 8.15
C ALA A 255 -13.27 -15.81 9.26
N LEU A 256 -13.28 -14.49 9.13
CA LEU A 256 -13.96 -13.60 10.07
C LEU A 256 -15.42 -13.35 9.70
N GLY A 257 -15.93 -14.03 8.67
CA GLY A 257 -17.31 -13.84 8.25
C GLY A 257 -17.52 -12.69 7.29
N LEU A 258 -16.47 -12.17 6.67
CA LEU A 258 -16.56 -10.99 5.83
C LEU A 258 -16.48 -11.38 4.36
N LEU A 259 -16.48 -10.36 3.50
CA LEU A 259 -16.52 -10.53 2.04
C LEU A 259 -17.76 -11.33 1.64
#